data_4CR5
#
_entry.id   4CR5
#
_cell.length_a   120.990
_cell.length_b   120.990
_cell.length_c   120.990
_cell.angle_alpha   90.00
_cell.angle_beta   90.00
_cell.angle_gamma   90.00
#
_symmetry.space_group_name_H-M   'I 2 3'
#
loop_
_entity.id
_entity.type
_entity.pdbx_description
1 polymer 'COAGULATION FACTOR XIA'
2 non-polymer 6-chloroquinolin-2(1H)-one
3 non-polymer 'SULFATE ION'
4 water water
#
_entity_poly.entity_id   1
_entity_poly.type   'polypeptide(L)'
_entity_poly.pdbx_seq_one_letter_code
;IVGGTASVRGEWPWQVTLHTTSPTQRHLCGGSIIGNQWILTAAHCFYGVESPKILRVYSGILNQAEIAEDTSFFGVQEII
IHDQYKMAESGYDIALLKLETTVNYADSQRPISLPSKGDRNVIYTDCWVTGWGYRKLRDKIQNTLQKAKIPLVTNEECQK
RYRGHKITHKMICAGYREGGKDACKGDSGGPLSCKHNEVWHLVGITSWGEGCAQRERPGVYTNVVEYVDWILEKTQAV
;
_entity_poly.pdbx_strand_id   A
#
loop_
_chem_comp.id
_chem_comp.type
_chem_comp.name
_chem_comp.formula
0TU non-polymer 6-chloroquinolin-2(1H)-one 'C9 H6 Cl N O'
SO4 non-polymer 'SULFATE ION' 'O4 S -2'
#
# COMPACT_ATOMS: atom_id res chain seq x y z
N ILE A 1 5.08 9.54 4.19
CA ILE A 1 5.81 9.84 2.92
C ILE A 1 6.86 10.91 3.18
N VAL A 2 8.08 10.64 2.74
CA VAL A 2 9.17 11.60 2.89
C VAL A 2 9.33 12.34 1.58
N GLY A 3 9.41 13.67 1.65
CA GLY A 3 9.74 14.49 0.49
C GLY A 3 8.59 14.66 -0.46
N GLY A 4 7.38 14.45 0.04
CA GLY A 4 6.18 14.48 -0.81
C GLY A 4 5.45 15.81 -0.67
N THR A 5 4.25 15.86 -1.25
CA THR A 5 3.38 17.01 -1.11
C THR A 5 1.97 16.56 -0.81
N ALA A 6 1.17 17.50 -0.33
CA ALA A 6 -0.24 17.30 -0.05
C ALA A 6 -0.99 16.93 -1.33
N SER A 7 -1.85 15.93 -1.22
CA SER A 7 -2.64 15.48 -2.37
C SER A 7 -3.84 16.42 -2.58
N VAL A 8 -4.37 16.41 -3.80
CA VAL A 8 -5.65 17.03 -4.11
C VAL A 8 -6.71 16.08 -3.60
N ARG A 9 -7.78 16.61 -3.01
CA ARG A 9 -8.86 15.76 -2.51
C ARG A 9 -9.32 14.79 -3.60
N GLY A 10 -9.31 13.50 -3.25
CA GLY A 10 -9.78 12.45 -4.14
C GLY A 10 -9.00 12.16 -5.42
N GLU A 11 -7.76 12.59 -5.49
CA GLU A 11 -6.95 12.23 -6.64
C GLU A 11 -6.40 10.81 -6.53
N TRP A 12 -6.51 10.20 -5.34
CA TRP A 12 -6.18 8.78 -5.15
C TRP A 12 -7.38 8.08 -4.49
N PRO A 13 -8.50 7.96 -5.23
CA PRO A 13 -9.77 7.50 -4.64
C PRO A 13 -9.83 6.02 -4.25
N TRP A 14 -8.82 5.26 -4.68
CA TRP A 14 -8.63 3.88 -4.21
C TRP A 14 -7.89 3.79 -2.86
N GLN A 15 -7.21 4.86 -2.46
CA GLN A 15 -6.52 4.89 -1.16
C GLN A 15 -7.50 4.91 0.02
N VAL A 16 -7.32 3.94 0.91
CA VAL A 16 -7.99 3.92 2.20
C VAL A 16 -6.98 4.07 3.35
N THR A 17 -7.50 4.50 4.48
CA THR A 17 -6.74 4.48 5.74
C THR A 17 -7.39 3.42 6.62
N LEU A 18 -6.55 2.50 7.09
CA LEU A 18 -6.96 1.40 7.93
C LEU A 18 -6.64 1.81 9.35
N HIS A 19 -7.67 1.90 10.19
CA HIS A 19 -7.49 2.20 11.60
C HIS A 19 -7.64 0.95 12.44
N THR A 20 -6.96 0.98 13.59
CA THR A 20 -7.23 0.05 14.64
C THR A 20 -7.89 0.84 15.75
N THR A 21 -8.83 0.23 16.46
CA THR A 21 -9.51 0.88 17.58
C THR A 21 -8.87 0.50 18.92
N SER A 22 -7.87 -0.38 18.89
CA SER A 22 -7.25 -0.88 20.11
C SER A 22 -5.82 -0.33 20.29
N PRO A 23 -5.50 0.22 21.47
CA PRO A 23 -6.37 0.47 22.65
C PRO A 23 -7.32 1.64 22.41
N THR A 24 -6.80 2.71 21.79
CA THR A 24 -7.63 3.83 21.31
C THR A 24 -7.42 3.93 19.80
N GLN A 25 -8.31 4.62 19.10
CA GLN A 25 -8.30 4.57 17.63
C GLN A 25 -7.16 5.34 17.01
N ARG A 26 -6.51 4.72 16.03
CA ARG A 26 -5.39 5.34 15.35
C ARG A 26 -5.23 4.73 13.97
N HIS A 27 -4.62 5.48 13.08
CA HIS A 27 -4.24 4.97 11.78
C HIS A 27 -3.21 3.86 11.96
N LEU A 28 -3.41 2.75 11.24
CA LEU A 28 -2.48 1.63 11.27
C LEU A 28 -1.67 1.53 9.96
N CYS A 29 -2.36 1.55 8.84
CA CYS A 29 -1.74 1.29 7.55
C CYS A 29 -2.58 1.83 6.42
N GLY A 30 -1.97 1.95 5.25
CA GLY A 30 -2.72 2.25 4.03
C GLY A 30 -3.32 0.99 3.43
N GLY A 31 -4.09 1.19 2.37
CA GLY A 31 -4.67 0.10 1.60
C GLY A 31 -5.28 0.63 0.31
N SER A 32 -5.71 -0.29 -0.56
CA SER A 32 -6.25 0.07 -1.87
C SER A 32 -7.57 -0.65 -2.13
N ILE A 33 -8.57 0.08 -2.60
CA ILE A 33 -9.81 -0.57 -3.02
C ILE A 33 -9.56 -1.27 -4.36
N ILE A 34 -9.76 -2.59 -4.39
CA ILE A 34 -9.65 -3.33 -5.65
C ILE A 34 -10.96 -3.99 -6.11
N GLY A 35 -11.98 -3.96 -5.28
CA GLY A 35 -13.30 -4.48 -5.61
C GLY A 35 -14.30 -3.95 -4.60
N ASN A 36 -15.59 -4.25 -4.78
CA ASN A 36 -16.64 -3.63 -3.94
C ASN A 36 -16.59 -4.04 -2.47
N GLN A 37 -15.95 -5.18 -2.20
CA GLN A 37 -15.84 -5.72 -0.84
C GLN A 37 -14.38 -5.98 -0.46
N TRP A 38 -13.42 -5.40 -1.20
CA TRP A 38 -12.02 -5.84 -1.13
C TRP A 38 -11.01 -4.71 -1.10
N ILE A 39 -10.17 -4.74 -0.07
CA ILE A 39 -9.01 -3.88 0.08
C ILE A 39 -7.75 -4.73 -0.04
N LEU A 40 -6.81 -4.30 -0.86
CA LEU A 40 -5.50 -4.93 -0.94
C LEU A 40 -4.51 -4.15 -0.07
N THR A 41 -3.81 -4.85 0.82
CA THR A 41 -2.89 -4.19 1.75
C THR A 41 -1.67 -5.07 2.06
N ALA A 42 -0.89 -4.72 3.07
CA ALA A 42 0.32 -5.51 3.40
C ALA A 42 0.04 -6.45 4.58
N ALA A 43 0.51 -7.71 4.44
CA ALA A 43 0.33 -8.71 5.50
C ALA A 43 0.91 -8.23 6.83
N HIS A 44 2.05 -7.55 6.77
CA HIS A 44 2.77 -7.21 8.00
C HIS A 44 2.03 -6.19 8.85
N CYS A 45 1.10 -5.46 8.25
CA CYS A 45 0.23 -4.56 9.02
C CYS A 45 -0.54 -5.22 10.16
N PHE A 46 -0.68 -6.55 10.12
CA PHE A 46 -1.53 -7.25 11.08
C PHE A 46 -0.79 -7.97 12.20
N TYR A 47 0.46 -7.58 12.42
CA TYR A 47 1.24 -8.09 13.54
C TYR A 47 0.49 -7.78 14.82
N GLY A 48 0.25 -8.78 15.63
CA GLY A 48 -0.48 -8.57 16.88
C GLY A 48 -1.98 -8.27 16.77
N VAL A 49 -2.54 -8.31 15.55
CA VAL A 49 -3.95 -8.01 15.36
C VAL A 49 -4.61 -9.35 15.44
N GLU A 50 -5.39 -9.59 16.49
CA GLU A 50 -5.88 -10.95 16.77
C GLU A 50 -7.29 -11.17 16.24
N SER A 51 -7.98 -10.08 15.92
CA SER A 51 -9.33 -10.16 15.40
C SER A 51 -9.60 -9.02 14.43
N PRO A 52 -10.37 -9.29 13.36
CA PRO A 52 -10.77 -8.21 12.47
C PRO A 52 -11.73 -7.19 13.09
N LYS A 53 -12.30 -7.50 14.26
CA LYS A 53 -13.33 -6.64 14.86
C LYS A 53 -12.81 -5.27 15.21
N ILE A 54 -11.50 -5.17 15.46
CA ILE A 54 -10.91 -3.90 15.88
C ILE A 54 -10.43 -3.06 14.71
N LEU A 55 -10.77 -3.48 13.49
CA LEU A 55 -10.34 -2.76 12.28
C LEU A 55 -11.47 -1.92 11.72
N ARG A 56 -11.10 -0.75 11.22
CA ARG A 56 -12.02 0.14 10.51
C ARG A 56 -11.35 0.65 9.27
N VAL A 57 -12.06 0.57 8.15
CA VAL A 57 -11.57 1.07 6.88
C VAL A 57 -12.34 2.34 6.50
N TYR A 58 -11.58 3.40 6.24
CA TYR A 58 -12.11 4.70 5.91
C TYR A 58 -11.72 5.04 4.47
N SER A 59 -12.73 5.20 3.62
CA SER A 59 -12.57 5.58 2.23
C SER A 59 -12.94 7.05 2.05
N GLY A 60 -12.47 7.64 0.96
CA GLY A 60 -12.84 9.01 0.63
C GLY A 60 -12.21 10.06 1.52
N ILE A 61 -11.04 9.76 2.06
CA ILE A 61 -10.40 10.62 3.06
C ILE A 61 -9.21 11.33 2.44
N LEU A 62 -9.12 12.64 2.67
CA LEU A 62 -7.88 13.39 2.44
C LEU A 62 -7.13 13.62 3.76
N ASN A 63 -7.84 14.20 4.72
CA ASN A 63 -7.26 14.59 6.00
C ASN A 63 -7.75 13.66 7.09
N GLN A 64 -6.83 13.22 7.94
CA GLN A 64 -7.18 12.38 9.10
C GLN A 64 -8.15 13.10 10.03
N ALA A 65 -8.11 14.44 10.07
CA ALA A 65 -9.09 15.24 10.85
C ALA A 65 -10.58 15.03 10.47
N GLU A 66 -10.82 14.57 9.25
CA GLU A 66 -12.15 14.17 8.79
C GLU A 66 -12.73 13.01 9.57
N ILE A 67 -11.85 12.22 10.18
CA ILE A 67 -12.26 10.99 10.86
C ILE A 67 -12.61 11.30 12.33
N ALA A 68 -13.89 11.19 12.65
CA ALA A 68 -14.35 11.40 14.00
C ALA A 68 -15.22 10.23 14.40
N GLU A 69 -15.72 10.25 15.63
CA GLU A 69 -16.54 9.15 16.10
C GLU A 69 -17.80 8.99 15.24
N ASP A 70 -18.28 10.09 14.64
CA ASP A 70 -19.46 10.05 13.76
C ASP A 70 -19.19 9.76 12.27
N THR A 71 -17.95 9.48 11.91
CA THR A 71 -17.59 9.26 10.51
C THR A 71 -17.87 7.82 10.13
N SER A 72 -18.50 7.63 8.98
CA SER A 72 -18.84 6.32 8.50
C SER A 72 -17.57 5.59 8.05
N PHE A 73 -17.57 4.28 8.24
CA PHE A 73 -16.43 3.42 7.94
C PHE A 73 -16.93 2.06 7.47
N PHE A 74 -15.99 1.25 6.98
CA PHE A 74 -16.28 -0.14 6.64
C PHE A 74 -15.66 -1.08 7.66
N GLY A 75 -16.50 -1.93 8.24
CA GLY A 75 -16.01 -2.98 9.12
C GLY A 75 -15.30 -4.05 8.31
N VAL A 76 -14.42 -4.81 8.97
CA VAL A 76 -13.71 -5.91 8.32
C VAL A 76 -14.31 -7.25 8.77
N GLN A 77 -14.79 -8.02 7.81
CA GLN A 77 -15.33 -9.34 8.07
C GLN A 77 -14.24 -10.40 8.15
N GLU A 78 -13.18 -10.26 7.34
CA GLU A 78 -12.12 -11.26 7.28
C GLU A 78 -10.80 -10.66 6.86
N ILE A 79 -9.73 -11.06 7.54
CA ILE A 79 -8.37 -10.76 7.13
C ILE A 79 -7.78 -12.01 6.47
N ILE A 80 -7.33 -11.88 5.22
CA ILE A 80 -6.73 -12.98 4.50
C ILE A 80 -5.26 -12.64 4.25
N ILE A 81 -4.37 -13.37 4.92
CA ILE A 81 -2.94 -13.21 4.76
C ILE A 81 -2.38 -14.32 3.87
N HIS A 82 -1.42 -13.99 3.00
CA HIS A 82 -0.79 -14.99 2.15
C HIS A 82 -0.20 -16.08 3.05
N ASP A 83 -0.46 -17.35 2.72
CA ASP A 83 -0.03 -18.45 3.59
CA ASP A 83 -0.03 -18.46 3.58
C ASP A 83 1.50 -18.60 3.66
N GLN A 84 2.22 -18.00 2.71
CA GLN A 84 3.68 -18.00 2.73
C GLN A 84 4.30 -16.77 3.39
N TYR A 85 3.46 -15.86 3.88
CA TYR A 85 3.96 -14.66 4.50
C TYR A 85 4.61 -15.00 5.84
N LYS A 86 5.83 -14.52 6.07
CA LYS A 86 6.45 -14.59 7.40
C LYS A 86 6.84 -13.23 7.88
N MET A 87 7.50 -12.47 7.01
CA MET A 87 7.78 -11.08 7.26
C MET A 87 8.07 -10.30 6.02
N ALA A 88 7.96 -8.99 6.15
CA ALA A 88 8.05 -8.07 5.01
C ALA A 88 9.29 -8.32 4.19
N GLU A 89 10.43 -8.48 4.87
CA GLU A 89 11.71 -8.54 4.18
C GLU A 89 11.93 -9.84 3.41
N SER A 90 11.11 -10.86 3.65
CA SER A 90 11.24 -12.10 2.87
CA SER A 90 11.18 -12.14 2.93
C SER A 90 10.11 -12.26 1.84
N GLY A 91 9.30 -11.23 1.67
CA GLY A 91 8.30 -11.20 0.61
C GLY A 91 6.93 -11.68 1.05
N TYR A 92 6.09 -11.97 0.06
CA TYR A 92 4.70 -12.36 0.31
C TYR A 92 4.00 -11.38 1.25
N ASP A 93 4.40 -10.12 1.21
CA ASP A 93 3.81 -9.12 2.07
C ASP A 93 2.52 -8.60 1.42
N ILE A 94 1.50 -9.44 1.47
CA ILE A 94 0.23 -9.13 0.82
C ILE A 94 -0.93 -9.75 1.64
N ALA A 95 -2.00 -8.96 1.78
CA ALA A 95 -3.21 -9.41 2.44
C ALA A 95 -4.44 -8.79 1.82
N LEU A 96 -5.56 -9.49 1.95
CA LEU A 96 -6.85 -8.96 1.56
C LEU A 96 -7.69 -8.69 2.78
N LEU A 97 -8.46 -7.61 2.76
CA LEU A 97 -9.52 -7.39 3.72
C LEU A 97 -10.87 -7.54 3.02
N LYS A 98 -11.68 -8.49 3.49
CA LYS A 98 -13.06 -8.59 3.02
C LYS A 98 -13.94 -7.75 3.92
N LEU A 99 -14.58 -6.73 3.35
CA LEU A 99 -15.38 -5.80 4.13
C LEU A 99 -16.75 -6.36 4.48
N GLU A 100 -17.35 -5.86 5.56
CA GLU A 100 -18.66 -6.31 6.03
C GLU A 100 -19.78 -5.85 5.11
N THR A 101 -19.56 -4.74 4.42
CA THR A 101 -20.55 -4.17 3.51
C THR A 101 -19.85 -3.77 2.21
N THR A 102 -20.64 -3.49 1.17
CA THR A 102 -20.04 -3.12 -0.10
C THR A 102 -19.82 -1.61 -0.23
N VAL A 103 -18.73 -1.22 -0.85
CA VAL A 103 -18.44 0.18 -1.12
C VAL A 103 -19.30 0.63 -2.30
N ASN A 104 -19.95 1.78 -2.17
CA ASN A 104 -20.65 2.41 -3.28
C ASN A 104 -19.71 3.38 -3.91
N TYR A 105 -19.34 3.09 -5.15
CA TYR A 105 -18.30 3.85 -5.79
C TYR A 105 -18.81 5.24 -6.09
N ALA A 106 -17.90 6.20 -6.00
CA ALA A 106 -18.20 7.59 -6.33
C ALA A 106 -16.89 8.23 -6.72
N ASP A 107 -16.91 9.53 -6.98
CA ASP A 107 -15.71 10.24 -7.39
C ASP A 107 -14.61 10.18 -6.32
N SER A 108 -14.99 10.07 -5.05
CA SER A 108 -14.02 10.06 -3.97
C SER A 108 -13.57 8.66 -3.59
N GLN A 109 -14.25 7.64 -4.11
CA GLN A 109 -13.94 6.25 -3.78
C GLN A 109 -14.28 5.25 -4.88
N ARG A 110 -13.25 4.70 -5.50
CA ARG A 110 -13.45 3.78 -6.61
C ARG A 110 -12.25 2.86 -6.70
N PRO A 111 -12.37 1.73 -7.39
CA PRO A 111 -11.29 0.74 -7.32
C PRO A 111 -10.17 1.02 -8.31
N ILE A 112 -8.94 0.62 -7.95
CA ILE A 112 -7.82 0.71 -8.86
C ILE A 112 -7.69 -0.62 -9.61
N SER A 113 -7.41 -0.55 -10.91
CA SER A 113 -7.17 -1.74 -11.73
C SER A 113 -5.90 -2.47 -11.36
N LEU A 114 -5.96 -3.80 -11.37
CA LEU A 114 -4.77 -4.61 -11.14
C LEU A 114 -3.89 -4.57 -12.38
N PRO A 115 -2.57 -4.72 -12.19
CA PRO A 115 -1.68 -4.75 -13.34
C PRO A 115 -1.94 -6.01 -14.19
N SER A 116 -1.68 -5.90 -15.48
CA SER A 116 -1.85 -7.02 -16.38
C SER A 116 -0.54 -7.81 -16.50
N LYS A 117 -0.62 -9.11 -16.61
CA LYS A 117 0.59 -9.90 -16.89
C LYS A 117 1.27 -9.48 -18.21
N GLY A 118 0.47 -8.99 -19.15
CA GLY A 118 0.99 -8.44 -20.41
C GLY A 118 1.70 -7.10 -20.29
N ASP A 119 1.57 -6.45 -19.14
CA ASP A 119 2.24 -5.17 -18.90
C ASP A 119 3.52 -5.34 -18.08
N ARG A 120 3.95 -6.58 -17.85
CA ARG A 120 5.23 -6.80 -17.17
C ARG A 120 6.38 -6.15 -17.93
N ASN A 121 6.36 -6.25 -19.26
CA ASN A 121 7.32 -5.57 -20.14
C ASN A 121 7.22 -4.03 -20.13
N VAL A 122 6.04 -3.51 -19.78
CA VAL A 122 5.80 -2.06 -19.70
C VAL A 122 6.76 -1.37 -18.73
N ILE A 123 7.46 -0.37 -19.24
CA ILE A 123 8.26 0.51 -18.41
C ILE A 123 7.32 1.59 -17.88
N TYR A 124 6.94 1.46 -16.61
CA TYR A 124 6.12 2.46 -15.94
C TYR A 124 6.98 3.65 -15.59
N THR A 125 6.65 4.82 -16.15
CA THR A 125 7.44 6.03 -15.97
C THR A 125 6.73 7.07 -15.10
N ASP A 126 5.50 6.76 -14.68
CA ASP A 126 4.69 7.72 -13.94
C ASP A 126 4.10 7.08 -12.65
N CYS A 127 4.98 6.75 -11.72
CA CYS A 127 4.58 6.06 -10.49
C CYS A 127 4.63 6.96 -9.25
N TRP A 128 3.62 6.78 -8.40
CA TRP A 128 3.45 7.57 -7.20
C TRP A 128 3.16 6.68 -6.00
N VAL A 129 3.88 6.95 -4.90
CA VAL A 129 3.59 6.36 -3.61
C VAL A 129 2.86 7.37 -2.72
N THR A 130 1.81 6.91 -2.04
CA THR A 130 0.92 7.78 -1.27
C THR A 130 0.66 7.24 0.15
N GLY A 131 0.46 8.16 1.09
CA GLY A 131 0.02 7.78 2.42
C GLY A 131 0.03 8.87 3.48
N TRP A 132 -0.39 8.48 4.68
CA TRP A 132 -0.42 9.36 5.85
C TRP A 132 0.75 9.07 6.82
N GLY A 133 1.74 8.33 6.35
CA GLY A 133 2.86 7.97 7.19
C GLY A 133 3.87 9.07 7.48
N TYR A 134 4.90 8.70 8.22
CA TYR A 134 5.92 9.63 8.68
C TYR A 134 6.59 10.43 7.55
N ARG A 135 7.02 11.63 7.89
CA ARG A 135 7.86 12.43 7.01
C ARG A 135 9.35 12.19 7.32
N LYS A 136 9.64 11.47 8.39
CA LYS A 136 11.02 11.06 8.71
C LYS A 136 10.97 9.88 9.68
N LEU A 137 12.06 9.11 9.75
CA LEU A 137 12.08 7.84 10.49
C LEU A 137 11.42 7.89 11.88
N ARG A 138 11.70 8.95 12.62
CA ARG A 138 11.06 9.18 13.92
C ARG A 138 10.19 10.41 13.76
N ASP A 139 8.88 10.20 13.74
CA ASP A 139 7.94 11.27 13.45
C ASP A 139 6.56 10.77 13.86
N LYS A 140 5.53 11.25 13.17
CA LYS A 140 4.17 10.86 13.50
C LYS A 140 3.31 10.88 12.25
N ILE A 141 2.11 10.34 12.39
CA ILE A 141 1.15 10.26 11.29
C ILE A 141 0.79 11.67 10.84
N GLN A 142 0.75 11.86 9.52
CA GLN A 142 0.44 13.16 8.92
C GLN A 142 -1.07 13.31 8.70
N ASN A 143 -1.56 14.52 8.89
CA ASN A 143 -2.98 14.80 8.69
C ASN A 143 -3.41 14.63 7.24
N THR A 144 -2.71 15.31 6.33
CA THR A 144 -3.06 15.32 4.92
C THR A 144 -2.35 14.23 4.12
N LEU A 145 -3.10 13.49 3.32
CA LEU A 145 -2.55 12.47 2.44
C LEU A 145 -1.45 13.03 1.54
N GLN A 146 -0.26 12.46 1.67
CA GLN A 146 0.90 12.89 0.91
C GLN A 146 1.16 12.01 -0.30
N LYS A 147 1.77 12.61 -1.30
CA LYS A 147 2.15 11.88 -2.51
C LYS A 147 3.60 12.18 -2.88
N ALA A 148 4.28 11.23 -3.50
CA ALA A 148 5.58 11.48 -4.06
C ALA A 148 5.76 10.64 -5.30
N LYS A 149 6.23 11.28 -6.36
CA LYS A 149 6.55 10.61 -7.60
C LYS A 149 7.91 9.96 -7.43
N ILE A 150 8.00 8.67 -7.74
CA ILE A 150 9.22 7.91 -7.51
C ILE A 150 9.51 6.97 -8.68
N PRO A 151 10.75 6.97 -9.19
CA PRO A 151 11.01 6.11 -10.33
C PRO A 151 11.24 4.68 -9.87
N LEU A 152 10.73 3.72 -10.63
CA LEU A 152 11.09 2.33 -10.42
C LEU A 152 12.57 2.14 -10.72
N VAL A 153 13.21 1.27 -9.94
CA VAL A 153 14.53 0.75 -10.25
C VAL A 153 14.44 -0.74 -10.61
N THR A 154 15.41 -1.22 -11.38
CA THR A 154 15.43 -2.63 -11.79
C THR A 154 15.73 -3.53 -10.57
N ASN A 155 15.32 -4.80 -10.66
CA ASN A 155 15.56 -5.72 -9.56
CA ASN A 155 15.56 -5.82 -9.62
C ASN A 155 17.04 -5.98 -9.36
N GLU A 156 17.82 -5.86 -10.42
CA GLU A 156 19.27 -5.99 -10.33
C GLU A 156 19.87 -4.83 -9.54
N GLU A 157 19.49 -3.61 -9.89
CA GLU A 157 19.90 -2.43 -9.17
C GLU A 157 19.48 -2.53 -7.69
N CYS A 158 18.25 -2.95 -7.44
CA CYS A 158 17.74 -3.00 -6.08
C CYS A 158 18.50 -4.02 -5.23
N GLN A 159 18.92 -5.12 -5.84
CA GLN A 159 19.68 -6.17 -5.13
C GLN A 159 21.06 -5.67 -4.67
N LYS A 160 21.68 -4.79 -5.47
CA LYS A 160 22.97 -4.21 -5.12
C LYS A 160 22.88 -3.33 -3.91
N ARG A 161 21.70 -2.73 -3.68
CA ARG A 161 21.48 -1.84 -2.55
C ARG A 161 21.08 -2.57 -1.27
N TYR A 162 20.64 -3.82 -1.37
CA TYR A 162 20.29 -4.64 -0.23
C TYR A 162 21.05 -5.97 -0.26
N ARG A 163 22.38 -5.89 -0.10
CA ARG A 163 23.26 -7.07 -0.22
C ARG A 163 23.02 -8.13 0.84
N GLY A 164 22.45 -7.76 1.98
CA GLY A 164 22.09 -8.75 2.99
C GLY A 164 20.70 -9.38 2.83
N HIS A 165 19.98 -9.00 1.78
CA HIS A 165 18.66 -9.55 1.48
C HIS A 165 18.62 -10.26 0.13
N LYS A 166 17.54 -10.99 -0.08
CA LYS A 166 17.20 -11.54 -1.37
C LYS A 166 16.04 -10.73 -1.94
N ILE A 167 16.34 -9.85 -2.89
CA ILE A 167 15.29 -9.11 -3.60
C ILE A 167 14.80 -10.01 -4.73
N THR A 168 13.59 -10.56 -4.58
CA THR A 168 13.05 -11.55 -5.51
C THR A 168 12.21 -10.89 -6.59
N HIS A 169 11.83 -11.65 -7.61
CA HIS A 169 10.96 -11.14 -8.66
C HIS A 169 9.54 -10.91 -8.17
N LYS A 170 9.24 -11.33 -6.94
CA LYS A 170 7.95 -11.00 -6.32
C LYS A 170 7.98 -9.65 -5.59
N MET A 171 9.10 -8.96 -5.67
CA MET A 171 9.24 -7.60 -5.16
C MET A 171 9.52 -6.64 -6.29
N ILE A 172 9.22 -5.37 -6.05
CA ILE A 172 9.57 -4.32 -6.97
C ILE A 172 10.04 -3.12 -6.15
N CYS A 173 11.09 -2.47 -6.63
CA CYS A 173 11.72 -1.39 -5.91
C CYS A 173 11.58 -0.06 -6.63
N ALA A 174 11.57 1.01 -5.84
CA ALA A 174 11.44 2.36 -6.38
C ALA A 174 12.15 3.35 -5.47
N GLY A 175 12.94 4.23 -6.06
CA GLY A 175 13.61 5.27 -5.29
C GLY A 175 14.59 6.06 -6.13
N TYR A 176 15.09 7.16 -5.56
CA TYR A 176 16.11 7.99 -6.18
C TYR A 176 17.45 7.59 -5.62
N ARG A 177 18.48 7.52 -6.46
CA ARG A 177 19.82 7.15 -6.02
C ARG A 177 20.25 7.98 -4.82
N GLU A 178 20.04 9.28 -4.92
CA GLU A 178 20.35 10.24 -3.84
C GLU A 178 19.34 10.26 -2.68
N GLY A 179 18.31 9.43 -2.73
CA GLY A 179 17.28 9.39 -1.68
C GLY A 179 16.34 10.58 -1.71
N GLY A 180 15.78 10.92 -0.55
CA GLY A 180 14.98 12.14 -0.38
C GLY A 180 13.48 12.00 -0.61
N LYS A 181 13.05 11.02 -1.39
CA LYS A 181 11.63 10.71 -1.53
C LYS A 181 11.39 9.23 -1.35
N ASP A 182 10.41 8.86 -0.54
CA ASP A 182 10.20 7.46 -0.18
C ASP A 182 8.94 7.34 0.65
N ALA A 183 8.49 6.10 0.80
CA ALA A 183 7.51 5.76 1.83
C ALA A 183 8.20 5.77 3.18
N CYS A 184 7.42 5.78 4.26
CA CYS A 184 7.97 5.63 5.61
C CYS A 184 6.94 4.96 6.52
N LYS A 185 7.27 4.84 7.81
CA LYS A 185 6.41 4.18 8.76
C LYS A 185 4.99 4.75 8.69
N GLY A 186 3.98 3.87 8.56
CA GLY A 186 2.57 4.27 8.46
C GLY A 186 2.03 4.30 7.03
N ASP A 187 2.92 4.24 6.04
CA ASP A 187 2.54 4.18 4.64
C ASP A 187 2.32 2.75 4.16
N SER A 188 2.80 1.76 4.91
CA SER A 188 2.74 0.36 4.50
C SER A 188 1.31 -0.09 4.19
N GLY A 189 1.18 -0.99 3.21
CA GLY A 189 -0.11 -1.48 2.77
C GLY A 189 -0.75 -0.60 1.71
N GLY A 190 -0.31 0.64 1.60
CA GLY A 190 -0.81 1.53 0.55
C GLY A 190 -0.29 1.22 -0.84
N PRO A 191 -0.82 1.92 -1.85
CA PRO A 191 -0.45 1.69 -3.24
C PRO A 191 0.84 2.36 -3.70
N LEU A 192 1.49 1.67 -4.64
CA LEU A 192 2.40 2.28 -5.59
C LEU A 192 1.64 2.28 -6.89
N SER A 193 1.14 3.45 -7.27
CA SER A 193 0.19 3.59 -8.38
C SER A 193 0.93 4.14 -9.58
N CYS A 194 0.80 3.46 -10.72
CA CYS A 194 1.49 3.91 -11.94
C CYS A 194 0.47 4.15 -13.03
N LYS A 195 0.51 5.35 -13.61
CA LYS A 195 -0.40 5.73 -14.68
C LYS A 195 0.24 5.38 -16.02
N HIS A 196 -0.48 4.55 -16.79
CA HIS A 196 0.02 4.06 -18.08
C HIS A 196 -1.14 3.99 -19.07
N ASN A 197 -0.95 4.59 -20.25
CA ASN A 197 -2.00 4.72 -21.26
C ASN A 197 -3.31 5.21 -20.65
N GLU A 198 -3.21 6.33 -19.93
CA GLU A 198 -4.33 6.98 -19.24
C GLU A 198 -5.09 6.14 -18.23
N VAL A 199 -4.51 5.03 -17.77
CA VAL A 199 -5.15 4.19 -16.75
C VAL A 199 -4.19 3.99 -15.56
N TRP A 200 -4.74 4.04 -14.34
CA TRP A 200 -3.97 3.85 -13.13
C TRP A 200 -3.93 2.37 -12.83
N HIS A 201 -2.75 1.86 -12.52
CA HIS A 201 -2.56 0.45 -12.20
C HIS A 201 -1.89 0.32 -10.85
N LEU A 202 -2.35 -0.65 -10.07
CA LEU A 202 -1.78 -0.96 -8.74
C LEU A 202 -0.56 -1.85 -8.93
N VAL A 203 0.58 -1.21 -9.13
CA VAL A 203 1.81 -1.92 -9.43
C VAL A 203 2.45 -2.54 -8.20
N GLY A 204 2.45 -1.80 -7.10
CA GLY A 204 3.03 -2.31 -5.87
C GLY A 204 2.22 -2.01 -4.63
N ILE A 205 2.59 -2.72 -3.57
CA ILE A 205 2.11 -2.47 -2.21
C ILE A 205 3.32 -2.05 -1.35
N THR A 206 3.24 -0.86 -0.78
CA THR A 206 4.26 -0.36 0.14
C THR A 206 4.58 -1.37 1.24
N SER A 207 5.85 -1.81 1.28
CA SER A 207 6.23 -2.92 2.14
C SER A 207 7.35 -2.58 3.13
N TRP A 208 8.55 -2.32 2.65
CA TRP A 208 9.65 -2.04 3.57
C TRP A 208 10.80 -1.33 2.91
N GLY A 209 11.67 -0.80 3.76
CA GLY A 209 12.97 -0.31 3.36
C GLY A 209 13.89 -0.21 4.58
N GLU A 210 15.18 0.04 4.36
CA GLU A 210 16.07 0.38 5.47
C GLU A 210 16.03 1.88 5.73
N GLY A 211 15.36 2.25 6.81
CA GLY A 211 15.07 3.65 7.07
C GLY A 211 14.08 4.18 6.05
N CYS A 212 14.06 5.51 5.88
CA CYS A 212 13.15 6.16 4.94
C CYS A 212 13.90 7.17 4.14
N ALA A 213 13.88 7.02 2.83
CA ALA A 213 14.40 8.03 1.91
C ALA A 213 15.91 8.20 1.92
N GLN A 214 16.63 7.21 2.40
CA GLN A 214 18.08 7.29 2.47
C GLN A 214 18.70 7.10 1.09
N ARG A 215 19.86 7.72 0.88
CA ARG A 215 20.69 7.47 -0.29
C ARG A 215 20.86 5.96 -0.49
N GLU A 216 20.74 5.51 -1.73
CA GLU A 216 21.04 4.12 -2.12
C GLU A 216 20.24 3.07 -1.34
N ARG A 217 19.03 3.44 -0.91
CA ARG A 217 18.13 2.52 -0.24
C ARG A 217 16.72 2.66 -0.83
N PRO A 218 16.51 2.07 -2.02
CA PRO A 218 15.16 2.09 -2.62
C PRO A 218 14.07 1.52 -1.72
N GLY A 219 12.86 2.07 -1.84
CA GLY A 219 11.72 1.46 -1.18
C GLY A 219 11.47 0.10 -1.82
N VAL A 220 11.06 -0.88 -1.00
CA VAL A 220 10.72 -2.20 -1.47
C VAL A 220 9.22 -2.42 -1.40
N TYR A 221 8.64 -2.84 -2.53
CA TYR A 221 7.21 -3.01 -2.66
C TYR A 221 6.87 -4.41 -3.09
N THR A 222 5.70 -4.89 -2.65
CA THR A 222 5.17 -6.14 -3.15
C THR A 222 4.85 -5.97 -4.64
N ASN A 223 5.33 -6.90 -5.48
CA ASN A 223 5.13 -6.82 -6.93
C ASN A 223 3.76 -7.44 -7.24
N VAL A 224 2.73 -6.59 -7.27
CA VAL A 224 1.34 -7.04 -7.29
C VAL A 224 1.01 -7.99 -8.45
N VAL A 225 1.61 -7.77 -9.62
CA VAL A 225 1.31 -8.60 -10.79
C VAL A 225 1.64 -10.08 -10.55
N GLU A 226 2.60 -10.36 -9.65
CA GLU A 226 2.94 -11.75 -9.29
C GLU A 226 1.87 -12.43 -8.44
N TYR A 227 0.88 -11.67 -8.02
CA TYR A 227 -0.15 -12.17 -7.13
C TYR A 227 -1.57 -12.10 -7.71
N VAL A 228 -1.72 -11.79 -9.01
CA VAL A 228 -3.08 -11.66 -9.56
C VAL A 228 -3.85 -12.98 -9.50
N ASP A 229 -3.15 -14.10 -9.65
CA ASP A 229 -3.81 -15.41 -9.51
C ASP A 229 -4.29 -15.63 -8.08
N TRP A 230 -3.42 -15.34 -7.13
CA TRP A 230 -3.75 -15.44 -5.71
C TRP A 230 -4.94 -14.56 -5.37
N ILE A 231 -4.88 -13.29 -5.79
CA ILE A 231 -6.01 -12.39 -5.58
C ILE A 231 -7.32 -12.94 -6.15
N LEU A 232 -7.29 -13.47 -7.36
CA LEU A 232 -8.48 -14.05 -7.97
C LEU A 232 -8.99 -15.22 -7.15
N GLU A 233 -8.07 -16.12 -6.80
CA GLU A 233 -8.41 -17.28 -6.03
C GLU A 233 -9.07 -16.89 -4.71
N LYS A 234 -8.53 -15.87 -4.04
CA LYS A 234 -8.99 -15.50 -2.68
C LYS A 234 -10.23 -14.64 -2.65
N THR A 235 -10.55 -13.98 -3.77
CA THR A 235 -11.74 -13.13 -3.84
C THR A 235 -12.99 -13.80 -4.47
N GLN A 236 -12.93 -15.12 -4.73
CA GLN A 236 -14.10 -15.90 -5.19
C GLN A 236 -15.03 -16.23 -4.03
N ALA A 237 -16.32 -16.34 -4.33
CA ALA A 237 -17.30 -16.76 -3.33
C ALA A 237 -17.08 -18.22 -2.90
N VAL A 238 -17.36 -18.49 -1.61
CA VAL A 238 -17.33 -19.83 -0.99
C VAL A 238 -16.28 -20.73 -1.63
CL 0TU B . 8.39 1.09 0.49
C1 0TU B . 10.79 2.55 3.33
C2 0TU B . 10.25 2.20 2.11
C3 0TU B . 8.34 1.22 3.19
C4 0TU B . 8.89 1.57 4.41
C5 0TU B . 10.10 2.22 4.48
C6 0TU B . 9.04 1.53 2.03
C7 0TU B . 8.17 1.24 5.63
C8 0TU B . 8.66 1.55 6.84
C9 0TU B . 9.97 2.26 6.93
N10 0TU B . 10.62 2.55 5.74
O11 0TU B . 10.39 2.53 8.05
S SO4 C . 0.46 -17.89 -5.07
O1 SO4 C . -0.57 -18.47 -4.17
O2 SO4 C . 1.52 -18.91 -5.29
O3 SO4 C . 1.11 -16.68 -4.52
O4 SO4 C . -0.19 -17.59 -6.36
S SO4 D . 5.07 0.23 9.15
O1 SO4 D . 3.91 -0.68 9.28
O2 SO4 D . 6.24 -0.56 8.74
O3 SO4 D . 5.35 0.86 10.42
O4 SO4 D . 4.74 1.20 8.10
S SO4 E . 8.56 5.60 16.36
O1 SO4 E . 9.76 5.46 17.22
O2 SO4 E . 8.90 5.04 15.03
O3 SO4 E . 8.21 7.04 16.23
O4 SO4 E . 7.42 4.85 16.95
S SO4 F . 2.77 20.68 0.99
O1 SO4 F . 2.20 19.39 1.38
O2 SO4 F . 3.19 20.67 -0.44
O3 SO4 F . 3.91 20.95 1.87
O4 SO4 F . 1.76 21.74 1.21
S SO4 G . -5.09 11.92 -12.60
O1 SO4 G . -5.09 11.39 -11.21
O2 SO4 G . -5.94 11.03 -13.45
O3 SO4 G . -5.68 13.28 -12.56
O4 SO4 G . -3.72 11.97 -13.15
S SO4 H . 3.04 -17.20 -15.57
O1 SO4 H . 2.90 -18.61 -15.13
O2 SO4 H . 4.46 -16.92 -15.82
O3 SO4 H . 2.54 -16.29 -14.51
O4 SO4 H . 2.25 -17.00 -16.80
S SO4 I . 17.79 9.21 -10.08
O1 SO4 I . 18.08 8.40 -8.88
O2 SO4 I . 18.91 9.07 -11.05
O3 SO4 I . 17.66 10.65 -9.70
O4 SO4 I . 16.53 8.76 -10.72
#